data_8SDY
#
_entry.id   8SDY
#
_cell.length_a   1.00
_cell.length_b   1.00
_cell.length_c   1.00
_cell.angle_alpha   90.00
_cell.angle_beta   90.00
_cell.angle_gamma   90.00
#
_symmetry.space_group_name_H-M   'P 1'
#
loop_
_entity.id
_entity.type
_entity.pdbx_description
1 polymer 'Solute carrier family 22 member 6'
2 non-polymer N-(4-aminobenzoyl)glycine
3 water water
#
_entity_poly.entity_id   1
_entity_poly.type   'polypeptide(L)'
_entity_poly.pdbx_seq_one_letter_code
;MAFNDLLKQVGGVGRFQLIQVTMVVAPLLLMASHNTLQNFTAAIPPHHCRPPANANLSKDGGLEAWLPLDKQGQPESCLR
FTSPQWGPPFYNGTEANGTRVTEPCIDGWVYDNSTFPSTIVTEWNLVCSHRAFRQLAQSLYMVGVLLGAMVFGYLADRLG
RRKVLILNYLQTAVSGTCAAYAPNYTVYCVFRLLSGMSLASIAINCMTLNVEWMPIHTRAYVGTLIGYVYSLGQFLLAGI
AYAVPHWRHLQLVVSVPFFIAFIYSWFFIESARWYSSSGRLDLTLRALQRVARINGKQEEGAKLSIEVLRTSLQKELTLS
KGQASAMELLRCPTLRHLFLCLSMLWFATSFAYYGLVMDLQGFGVSMYLIQVIFGAVDLPAKFVCFLVINSMGRRPAQMA
SLLLAGICILVNGIIPKSHTIIRTSLAVLGKGCLASSFNCIFLYTGELYPTVIRQTGLGMGSTMARVGSIVSPLVSMTAE
FYPSMPLFIFGAVPVVASAVTALLPETLGQPLPDTVQDLKSRSRGKQNQQQQEQQKQMMPLQASTQEKNGL
;
_entity_poly.pdbx_strand_id   A
#
# COMPACT_ATOMS: atom_id res chain seq x y z
N ALA A 2 -19.67 24.35 -15.30
CA ALA A 2 -19.11 23.27 -14.42
C ALA A 2 -19.46 21.89 -14.97
N PHE A 3 -18.78 20.86 -14.46
CA PHE A 3 -19.04 19.49 -14.87
C PHE A 3 -20.00 18.76 -13.93
N ASN A 4 -20.14 19.23 -12.69
CA ASN A 4 -21.00 18.54 -11.73
C ASN A 4 -22.44 18.53 -12.19
N ASP A 5 -22.94 19.64 -12.74
CA ASP A 5 -24.31 19.67 -13.22
C ASP A 5 -24.52 18.66 -14.33
N LEU A 6 -23.57 18.57 -15.27
CA LEU A 6 -23.67 17.58 -16.34
C LEU A 6 -23.68 16.17 -15.78
N LEU A 7 -22.80 15.90 -14.81
CA LEU A 7 -22.75 14.56 -14.23
C LEU A 7 -24.06 14.22 -13.53
N LYS A 8 -24.64 15.18 -12.81
CA LYS A 8 -25.93 14.94 -12.16
C LYS A 8 -27.01 14.68 -13.19
N GLN A 9 -26.98 15.41 -14.31
CA GLN A 9 -28.03 15.27 -15.31
C GLN A 9 -28.08 13.84 -15.87
N VAL A 10 -26.91 13.24 -16.11
CA VAL A 10 -26.87 11.93 -16.73
C VAL A 10 -27.53 10.87 -15.87
N GLY A 11 -27.64 11.10 -14.56
CA GLY A 11 -28.27 10.15 -13.68
C GLY A 11 -27.58 9.98 -12.34
N GLY A 12 -26.50 10.73 -12.12
CA GLY A 12 -25.79 10.61 -10.86
C GLY A 12 -25.26 9.20 -10.66
N VAL A 13 -25.40 8.69 -9.44
CA VAL A 13 -24.94 7.35 -9.13
C VAL A 13 -25.98 6.35 -9.61
N GLY A 14 -25.82 5.87 -10.85
CA GLY A 14 -26.72 4.94 -11.46
C GLY A 14 -26.12 3.57 -11.67
N ARG A 15 -26.74 2.80 -12.57
CA ARG A 15 -26.28 1.45 -12.83
C ARG A 15 -24.84 1.44 -13.34
N PHE A 16 -24.53 2.32 -14.29
CA PHE A 16 -23.18 2.35 -14.83
C PHE A 16 -22.16 2.66 -13.74
N GLN A 17 -22.47 3.62 -12.88
CA GLN A 17 -21.53 4.00 -11.84
C GLN A 17 -21.24 2.83 -10.91
N LEU A 18 -22.29 2.12 -10.49
CA LEU A 18 -22.11 0.97 -9.61
C LEU A 18 -21.27 -0.11 -10.29
N ILE A 19 -21.62 -0.45 -11.53
CA ILE A 19 -20.92 -1.54 -12.21
C ILE A 19 -19.45 -1.16 -12.42
N GLN A 20 -19.20 0.06 -12.88
CA GLN A 20 -17.84 0.49 -13.14
C GLN A 20 -17.01 0.52 -11.87
N VAL A 21 -17.55 1.09 -10.79
CA VAL A 21 -16.76 1.18 -9.56
C VAL A 21 -16.48 -0.22 -9.01
N THR A 22 -17.49 -1.11 -9.04
CA THR A 22 -17.27 -2.47 -8.57
C THR A 22 -16.17 -3.16 -9.36
N MET A 23 -16.27 -3.12 -10.70
CA MET A 23 -15.33 -3.86 -11.53
C MET A 23 -13.96 -3.20 -11.58
N VAL A 24 -13.85 -1.92 -11.24
CA VAL A 24 -12.54 -1.27 -11.19
C VAL A 24 -11.92 -1.36 -9.79
N VAL A 25 -12.73 -1.63 -8.76
CA VAL A 25 -12.23 -1.72 -7.39
C VAL A 25 -12.00 -3.15 -6.95
N ALA A 26 -12.52 -4.14 -7.67
CA ALA A 26 -12.21 -5.52 -7.33
C ALA A 26 -10.72 -5.84 -7.26
N PRO A 27 -9.85 -5.33 -8.14
CA PRO A 27 -8.43 -5.67 -8.05
C PRO A 27 -7.76 -5.23 -6.75
N LEU A 28 -8.31 -4.25 -6.06
CA LEU A 28 -7.72 -3.89 -4.77
C LEU A 28 -7.88 -4.98 -3.73
N LEU A 29 -8.71 -6.00 -3.99
CA LEU A 29 -8.71 -7.16 -3.12
C LEU A 29 -7.36 -7.87 -3.15
N LEU A 30 -6.78 -8.04 -4.33
CA LEU A 30 -5.46 -8.66 -4.46
C LEU A 30 -4.32 -7.66 -4.35
N MET A 31 -4.63 -6.36 -4.30
CA MET A 31 -3.58 -5.38 -4.05
C MET A 31 -2.81 -5.71 -2.77
N ALA A 32 -3.52 -6.00 -1.68
CA ALA A 32 -2.85 -6.30 -0.42
C ALA A 32 -2.10 -7.62 -0.49
N SER A 33 -2.68 -8.62 -1.17
CA SER A 33 -1.98 -9.89 -1.36
C SER A 33 -0.63 -9.65 -2.03
N HIS A 34 -0.62 -8.84 -3.10
CA HIS A 34 0.64 -8.57 -3.76
C HIS A 34 1.57 -7.72 -2.89
N ASN A 35 1.01 -6.82 -2.09
CA ASN A 35 1.84 -5.95 -1.26
C ASN A 35 2.59 -6.75 -0.19
N THR A 36 1.94 -7.75 0.41
CA THR A 36 2.54 -8.50 1.51
C THR A 36 2.62 -10.01 1.22
N LEU A 37 2.79 -10.38 -0.05
CA LEU A 37 2.92 -11.79 -0.39
C LEU A 37 4.14 -12.44 0.23
N GLN A 38 5.23 -11.68 0.41
CA GLN A 38 6.48 -12.29 0.87
C GLN A 38 6.34 -12.95 2.23
N ASN A 39 5.35 -12.56 3.04
CA ASN A 39 5.16 -13.20 4.32
C ASN A 39 4.92 -14.70 4.17
N PHE A 40 4.32 -15.10 3.05
CA PHE A 40 3.98 -16.50 2.81
C PHE A 40 4.81 -17.13 1.70
N THR A 41 5.11 -16.39 0.63
CA THR A 41 5.96 -16.94 -0.42
C THR A 41 7.43 -16.89 -0.07
N ALA A 42 7.82 -16.15 0.96
CA ALA A 42 9.19 -16.08 1.42
C ALA A 42 9.28 -16.39 2.91
N ALA A 43 8.49 -17.36 3.36
CA ALA A 43 8.57 -17.80 4.75
C ALA A 43 9.85 -18.58 4.99
N ILE A 44 10.39 -18.46 6.20
CA ILE A 44 11.67 -19.05 6.57
C ILE A 44 11.37 -20.27 7.44
N PRO A 45 11.53 -21.50 6.94
CA PRO A 45 11.25 -22.67 7.78
C PRO A 45 12.46 -23.06 8.60
N PRO A 46 12.30 -23.95 9.57
CA PRO A 46 13.47 -24.47 10.28
C PRO A 46 14.43 -25.16 9.32
N HIS A 47 15.72 -24.90 9.49
CA HIS A 47 16.72 -25.43 8.59
C HIS A 47 18.02 -25.66 9.33
N HIS A 48 18.84 -26.56 8.77
CA HIS A 48 20.18 -26.79 9.28
C HIS A 48 21.02 -27.41 8.17
N CYS A 49 22.32 -27.48 8.41
CA CYS A 49 23.23 -28.00 7.40
C CYS A 49 22.92 -29.46 7.09
N ARG A 50 23.07 -29.83 5.82
CA ARG A 50 22.96 -31.22 5.41
C ARG A 50 24.26 -31.95 5.74
N PRO A 51 24.21 -33.07 6.50
CA PRO A 51 25.46 -33.78 6.80
C PRO A 51 26.24 -34.20 5.56
N GLY A 61 27.01 -40.85 14.68
CA GLY A 61 26.25 -40.75 15.91
C GLY A 61 24.89 -40.10 15.70
N GLY A 62 24.32 -40.29 14.52
CA GLY A 62 23.03 -39.72 14.20
C GLY A 62 23.14 -38.29 13.72
N LEU A 63 21.98 -37.73 13.35
CA LEU A 63 21.94 -36.36 12.86
C LEU A 63 22.35 -35.38 13.94
N GLU A 64 21.91 -35.61 15.18
CA GLU A 64 22.22 -34.68 16.27
C GLU A 64 23.72 -34.55 16.49
N ALA A 65 24.47 -35.64 16.28
CA ALA A 65 25.91 -35.62 16.53
C ALA A 65 26.67 -34.75 15.55
N TRP A 66 26.04 -34.29 14.47
CA TRP A 66 26.73 -33.49 13.47
C TRP A 66 26.40 -32.00 13.54
N LEU A 67 25.23 -31.63 14.06
CA LEU A 67 24.82 -30.24 14.10
C LEU A 67 25.27 -29.59 15.41
N PRO A 68 26.08 -28.53 15.39
CA PRO A 68 26.43 -27.86 16.65
C PRO A 68 25.20 -27.24 17.30
N LEU A 69 25.24 -27.16 18.63
CA LEU A 69 24.14 -26.63 19.41
C LEU A 69 24.30 -25.15 19.64
N ASP A 70 23.21 -24.51 20.03
CA ASP A 70 23.16 -23.07 20.28
C ASP A 70 22.81 -22.82 21.75
N LYS A 71 22.63 -21.54 22.09
CA LYS A 71 22.28 -21.18 23.46
C LYS A 71 20.93 -21.76 23.85
N GLN A 72 19.96 -21.72 22.94
CA GLN A 72 18.62 -22.21 23.22
C GLN A 72 18.48 -23.72 23.05
N GLY A 73 19.52 -24.40 22.58
CA GLY A 73 19.49 -25.84 22.45
C GLY A 73 19.01 -26.38 21.12
N GLN A 74 18.54 -25.52 20.22
CA GLN A 74 18.16 -25.97 18.90
C GLN A 74 19.40 -26.22 18.03
N PRO A 75 19.29 -27.07 17.01
CA PRO A 75 20.42 -27.25 16.10
C PRO A 75 20.76 -25.94 15.41
N GLU A 76 22.06 -25.70 15.21
CA GLU A 76 22.49 -24.47 14.57
C GLU A 76 21.99 -24.41 13.14
N SER A 77 21.47 -23.24 12.76
CA SER A 77 20.83 -23.10 11.46
C SER A 77 21.83 -23.22 10.31
N CYS A 78 23.03 -22.65 10.47
CA CYS A 78 24.00 -22.57 9.37
C CYS A 78 25.40 -22.94 9.84
N LEU A 79 25.52 -24.04 10.58
CA LEU A 79 26.83 -24.57 10.93
C LEU A 79 26.72 -26.08 11.08
N ARG A 80 27.83 -26.78 10.84
CA ARG A 80 27.86 -28.22 10.91
C ARG A 80 29.22 -28.66 11.43
N PHE A 81 29.23 -29.73 12.23
CA PHE A 81 30.49 -30.29 12.71
C PHE A 81 31.28 -30.87 11.54
N THR A 82 32.57 -30.53 11.47
CA THR A 82 33.42 -31.10 10.44
C THR A 82 33.54 -32.62 10.62
N SER A 83 33.68 -33.07 11.86
CA SER A 83 33.83 -34.47 12.19
C SER A 83 32.83 -34.87 13.26
N PRO A 84 32.46 -36.14 13.34
CA PRO A 84 31.49 -36.56 14.35
C PRO A 84 32.03 -36.37 15.76
N GLN A 85 31.12 -36.09 16.69
CA GLN A 85 31.48 -35.89 18.08
C GLN A 85 30.99 -37.06 18.93
N ARG A 100 35.92 -31.15 17.26
CA ARG A 100 34.88 -30.13 17.37
C ARG A 100 35.25 -28.90 16.55
N VAL A 101 34.87 -28.91 15.27
CA VAL A 101 35.06 -27.78 14.39
C VAL A 101 33.81 -27.62 13.55
N THR A 102 33.35 -26.37 13.41
CA THR A 102 32.10 -26.06 12.73
C THR A 102 32.39 -25.38 11.40
N GLU A 103 31.62 -25.73 10.38
CA GLU A 103 31.74 -25.18 9.05
C GLU A 103 30.36 -24.82 8.51
N PRO A 104 30.28 -23.91 7.53
CA PRO A 104 28.98 -23.56 6.96
C PRO A 104 28.42 -24.69 6.12
N CYS A 105 27.15 -24.55 5.75
CA CYS A 105 26.44 -25.59 5.02
C CYS A 105 26.87 -25.64 3.57
N ILE A 106 28.08 -26.14 3.31
CA ILE A 106 28.54 -26.28 1.93
C ILE A 106 27.71 -27.33 1.20
N ASP A 107 27.23 -28.34 1.92
CA ASP A 107 26.38 -29.38 1.35
C ASP A 107 24.93 -28.94 1.20
N GLY A 108 24.63 -27.66 1.42
CA GLY A 108 23.27 -27.17 1.40
C GLY A 108 22.59 -27.38 2.74
N TRP A 109 21.38 -26.85 2.82
CA TRP A 109 20.59 -26.88 4.05
C TRP A 109 19.51 -27.95 3.95
N VAL A 110 19.08 -28.44 5.12
CA VAL A 110 17.95 -29.35 5.22
C VAL A 110 16.80 -28.56 5.83
N TYR A 111 15.81 -28.22 5.03
CA TYR A 111 14.68 -27.43 5.49
C TYR A 111 13.56 -28.33 6.01
N ASP A 112 12.59 -27.71 6.66
CA ASP A 112 11.45 -28.43 7.23
C ASP A 112 10.23 -28.22 6.32
N ASN A 113 9.66 -29.32 5.86
CA ASN A 113 8.53 -29.30 4.94
C ASN A 113 7.18 -29.47 5.64
N SER A 114 7.16 -29.56 6.97
CA SER A 114 5.92 -29.85 7.67
C SER A 114 4.88 -28.75 7.45
N THR A 115 5.29 -27.50 7.54
CA THR A 115 4.37 -26.36 7.43
C THR A 115 4.59 -25.52 6.19
N PHE A 116 5.82 -25.44 5.70
CA PHE A 116 6.17 -24.62 4.52
C PHE A 116 6.85 -25.53 3.51
N PRO A 117 6.09 -26.25 2.68
CA PRO A 117 6.73 -27.23 1.79
C PRO A 117 7.75 -26.63 0.85
N SER A 118 7.54 -25.40 0.38
CA SER A 118 8.50 -24.75 -0.51
C SER A 118 8.21 -23.26 -0.55
N THR A 119 9.24 -22.46 -0.27
CA THR A 119 9.18 -21.01 -0.42
C THR A 119 10.44 -20.56 -1.13
N ILE A 120 10.47 -19.28 -1.53
CA ILE A 120 11.65 -18.78 -2.24
C ILE A 120 12.89 -18.94 -1.37
N VAL A 121 12.71 -18.92 -0.05
CA VAL A 121 13.84 -19.15 0.85
C VAL A 121 14.40 -20.55 0.66
N THR A 122 13.53 -21.56 0.63
CA THR A 122 13.99 -22.93 0.41
C THR A 122 14.33 -23.19 -1.05
N GLU A 123 13.69 -22.46 -1.97
CA GLU A 123 13.94 -22.68 -3.39
C GLU A 123 15.33 -22.18 -3.79
N TRP A 124 15.68 -20.96 -3.35
CA TRP A 124 16.94 -20.34 -3.71
C TRP A 124 17.85 -20.14 -2.50
N ASN A 125 17.59 -20.85 -1.41
CA ASN A 125 18.46 -20.84 -0.24
C ASN A 125 18.75 -19.42 0.24
N LEU A 126 17.69 -18.63 0.39
CA LEU A 126 17.81 -17.25 0.86
C LEU A 126 17.88 -17.27 2.39
N VAL A 127 18.98 -17.82 2.90
CA VAL A 127 19.20 -17.99 4.32
C VAL A 127 20.58 -17.49 4.71
N CYS A 128 20.71 -17.07 5.97
CA CYS A 128 21.98 -16.71 6.58
C CYS A 128 22.77 -15.72 5.75
N SER A 129 23.83 -16.19 5.07
CA SER A 129 24.66 -15.26 4.31
C SER A 129 23.85 -14.57 3.22
N HIS A 130 22.77 -15.21 2.76
CA HIS A 130 21.92 -14.67 1.71
C HIS A 130 20.51 -14.35 2.21
N ARG A 131 20.38 -14.02 3.50
CA ARG A 131 19.07 -13.72 4.06
C ARG A 131 18.63 -12.28 3.80
N ALA A 132 19.54 -11.40 3.36
CA ALA A 132 19.15 -10.05 3.03
C ALA A 132 18.52 -9.94 1.65
N PHE A 133 18.68 -10.98 0.81
CA PHE A 133 18.04 -10.96 -0.49
C PHE A 133 16.52 -11.03 -0.36
N ARG A 134 16.03 -11.69 0.70
CA ARG A 134 14.60 -11.70 0.97
C ARG A 134 14.06 -10.30 1.17
N GLN A 135 14.79 -9.47 1.93
CA GLN A 135 14.35 -8.09 2.13
C GLN A 135 14.59 -7.24 0.89
N LEU A 136 15.65 -7.53 0.13
CA LEU A 136 15.91 -6.77 -1.08
C LEU A 136 14.83 -6.99 -2.13
N ALA A 137 14.25 -8.19 -2.19
CA ALA A 137 13.14 -8.41 -3.11
C ALA A 137 11.97 -7.49 -2.79
N GLN A 138 11.62 -7.37 -1.51
CA GLN A 138 10.54 -6.48 -1.10
C GLN A 138 10.91 -5.03 -1.39
N SER A 139 12.16 -4.64 -1.12
CA SER A 139 12.57 -3.27 -1.39
C SER A 139 12.48 -2.95 -2.87
N LEU A 140 12.84 -3.90 -3.74
CA LEU A 140 12.74 -3.69 -5.18
C LEU A 140 11.29 -3.63 -5.62
N TYR A 141 10.42 -4.45 -5.02
CA TYR A 141 8.99 -4.35 -5.33
C TYR A 141 8.46 -2.98 -4.98
N MET A 142 8.86 -2.42 -3.83
CA MET A 142 8.36 -1.10 -3.46
C MET A 142 8.99 0.01 -4.29
N VAL A 143 10.24 -0.18 -4.72
CA VAL A 143 10.84 0.76 -5.67
C VAL A 143 10.04 0.76 -6.97
N GLY A 144 9.64 -0.41 -7.43
CA GLY A 144 8.76 -0.49 -8.57
C GLY A 144 7.43 0.20 -8.32
N VAL A 145 6.90 0.06 -7.11
CA VAL A 145 5.65 0.74 -6.77
C VAL A 145 5.79 2.25 -6.94
N LEU A 146 6.87 2.81 -6.40
CA LEU A 146 7.10 4.25 -6.54
C LEU A 146 7.29 4.63 -8.00
N LEU A 147 8.09 3.85 -8.74
CA LEU A 147 8.34 4.16 -10.14
C LEU A 147 7.05 4.16 -10.94
N GLY A 148 6.17 3.19 -10.66
CA GLY A 148 4.90 3.16 -11.34
C GLY A 148 4.04 4.36 -10.98
N ALA A 149 3.95 4.66 -9.69
CA ALA A 149 3.12 5.78 -9.26
C ALA A 149 3.56 7.09 -9.91
N MET A 150 4.84 7.21 -10.26
CA MET A 150 5.27 8.41 -10.97
C MET A 150 5.06 8.29 -12.49
N VAL A 151 5.59 7.23 -13.10
CA VAL A 151 5.58 7.13 -14.55
C VAL A 151 4.16 7.01 -15.09
N PHE A 152 3.37 6.09 -14.54
CA PHE A 152 2.01 5.92 -15.02
C PHE A 152 1.13 7.10 -14.63
N GLY A 153 1.46 7.78 -13.52
CA GLY A 153 0.78 9.02 -13.22
C GLY A 153 0.99 10.06 -14.31
N TYR A 154 2.21 10.15 -14.82
CA TYR A 154 2.45 11.05 -15.95
C TYR A 154 1.75 10.56 -17.21
N LEU A 155 1.76 9.25 -17.45
CA LEU A 155 1.17 8.72 -18.68
C LEU A 155 -0.33 8.93 -18.72
N ALA A 156 -1.02 8.76 -17.58
CA ALA A 156 -2.47 8.90 -17.56
C ALA A 156 -2.93 10.28 -17.99
N ASP A 157 -2.05 11.28 -17.90
CA ASP A 157 -2.37 12.60 -18.43
C ASP A 157 -2.27 12.66 -19.96
N ARG A 158 -1.77 11.61 -20.60
CA ARG A 158 -1.63 11.55 -22.05
C ARG A 158 -2.55 10.52 -22.67
N LEU A 159 -2.48 9.27 -22.21
CA LEU A 159 -3.29 8.19 -22.77
C LEU A 159 -4.64 8.04 -22.10
N GLY A 160 -4.89 8.75 -21.00
CA GLY A 160 -6.11 8.59 -20.25
C GLY A 160 -6.04 7.45 -19.25
N ARG A 161 -7.05 7.41 -18.38
CA ARG A 161 -7.06 6.45 -17.29
C ARG A 161 -7.44 5.04 -17.74
N ARG A 162 -8.32 4.92 -18.74
CA ARG A 162 -8.78 3.61 -19.15
C ARG A 162 -7.67 2.82 -19.85
N LYS A 163 -6.97 3.47 -20.77
CA LYS A 163 -5.86 2.80 -21.46
C LYS A 163 -4.80 2.38 -20.46
N VAL A 164 -4.45 3.27 -19.53
CA VAL A 164 -3.44 2.97 -18.53
C VAL A 164 -3.90 1.80 -17.65
N LEU A 165 -5.19 1.77 -17.31
CA LEU A 165 -5.68 0.67 -16.48
C LEU A 165 -5.59 -0.66 -17.23
N ILE A 166 -5.94 -0.66 -18.51
CA ILE A 166 -5.82 -1.89 -19.30
C ILE A 166 -4.37 -2.35 -19.31
N LEU A 167 -3.45 -1.43 -19.58
CA LEU A 167 -2.04 -1.79 -19.62
C LEU A 167 -1.54 -2.29 -18.27
N ASN A 168 -2.02 -1.68 -17.18
CA ASN A 168 -1.59 -2.09 -15.85
C ASN A 168 -2.10 -3.48 -15.53
N TYR A 169 -3.35 -3.80 -15.88
CA TYR A 169 -3.85 -5.14 -15.64
C TYR A 169 -3.05 -6.17 -16.42
N LEU A 170 -2.77 -5.88 -17.69
CA LEU A 170 -1.97 -6.80 -18.49
C LEU A 170 -0.58 -6.99 -17.88
N GLN A 171 0.07 -5.89 -17.50
CA GLN A 171 1.41 -5.97 -16.95
C GLN A 171 1.42 -6.73 -15.64
N THR A 172 0.45 -6.48 -14.77
CA THR A 172 0.41 -7.18 -13.50
C THR A 172 0.23 -8.68 -13.70
N ALA A 173 -0.69 -9.08 -14.58
CA ALA A 173 -0.89 -10.50 -14.82
C ALA A 173 0.38 -11.14 -15.36
N VAL A 174 0.98 -10.51 -16.38
CA VAL A 174 2.16 -11.10 -17.01
C VAL A 174 3.30 -11.20 -16.02
N SER A 175 3.58 -10.11 -15.30
CA SER A 175 4.70 -10.09 -14.37
C SER A 175 4.49 -11.05 -13.22
N GLY A 176 3.26 -11.16 -12.72
CA GLY A 176 3.00 -12.08 -11.63
C GLY A 176 3.18 -13.52 -12.04
N THR A 177 2.66 -13.89 -13.22
CA THR A 177 2.87 -15.26 -13.69
C THR A 177 4.34 -15.54 -13.94
N CYS A 178 5.05 -14.58 -14.53
CA CYS A 178 6.47 -14.78 -14.80
C CYS A 178 7.26 -14.95 -13.51
N ALA A 179 6.94 -14.16 -12.48
CA ALA A 179 7.57 -14.33 -11.17
C ALA A 179 7.23 -15.70 -10.60
N ALA A 180 5.99 -16.15 -10.75
CA ALA A 180 5.63 -17.48 -10.28
C ALA A 180 6.44 -18.56 -10.98
N TYR A 181 6.85 -18.33 -12.23
CA TYR A 181 7.67 -19.27 -12.97
C TYR A 181 9.12 -18.80 -13.09
N ALA A 182 9.55 -17.90 -12.22
CA ALA A 182 10.93 -17.40 -12.28
C ALA A 182 11.90 -18.55 -12.03
N PRO A 183 12.95 -18.70 -12.86
CA PRO A 183 13.89 -19.80 -12.64
C PRO A 183 15.01 -19.44 -11.69
N ASN A 184 15.25 -18.15 -11.48
CA ASN A 184 16.29 -17.69 -10.58
C ASN A 184 15.84 -16.41 -9.89
N TYR A 185 16.67 -15.95 -8.94
CA TYR A 185 16.27 -14.87 -8.04
C TYR A 185 16.20 -13.53 -8.78
N THR A 186 17.13 -13.27 -9.69
CA THR A 186 17.14 -11.99 -10.38
C THR A 186 15.89 -11.81 -11.25
N VAL A 187 15.48 -12.87 -11.93
CA VAL A 187 14.27 -12.80 -12.76
C VAL A 187 13.05 -12.56 -11.88
N TYR A 188 12.98 -13.25 -10.75
CA TYR A 188 11.88 -13.04 -9.82
C TYR A 188 11.85 -11.58 -9.35
N CYS A 189 13.00 -11.02 -9.03
CA CYS A 189 13.04 -9.64 -8.55
C CYS A 189 12.62 -8.66 -9.64
N VAL A 190 13.07 -8.89 -10.87
CA VAL A 190 12.70 -8.00 -11.98
C VAL A 190 11.19 -8.01 -12.17
N PHE A 191 10.60 -9.21 -12.19
CA PHE A 191 9.16 -9.28 -12.45
C PHE A 191 8.35 -8.80 -11.25
N ARG A 192 8.87 -8.97 -10.03
CA ARG A 192 8.19 -8.37 -8.87
C ARG A 192 8.22 -6.85 -8.94
N LEU A 193 9.34 -6.28 -9.37
CA LEU A 193 9.40 -4.83 -9.55
C LEU A 193 8.38 -4.37 -10.58
N LEU A 194 8.29 -5.07 -11.71
CA LEU A 194 7.34 -4.68 -12.76
C LEU A 194 5.90 -4.82 -12.27
N SER A 195 5.58 -5.89 -11.56
CA SER A 195 4.24 -6.07 -11.04
C SER A 195 3.90 -5.00 -10.02
N GLY A 196 4.89 -4.59 -9.21
CA GLY A 196 4.67 -3.49 -8.29
C GLY A 196 4.38 -2.19 -9.02
N MET A 197 5.12 -1.93 -10.09
CA MET A 197 4.83 -0.76 -10.93
C MET A 197 3.38 -0.76 -11.39
N SER A 198 2.95 -1.87 -11.97
CA SER A 198 1.60 -1.95 -12.51
C SER A 198 0.55 -1.82 -11.41
N LEU A 199 0.77 -2.45 -10.26
CA LEU A 199 -0.19 -2.40 -9.18
C LEU A 199 -0.28 -0.99 -8.59
N ALA A 200 0.85 -0.30 -8.46
CA ALA A 200 0.82 1.08 -7.99
C ALA A 200 0.02 1.95 -8.94
N SER A 201 0.22 1.77 -10.26
CA SER A 201 -0.57 2.52 -11.22
C SER A 201 -2.05 2.18 -11.09
N ILE A 202 -2.38 0.91 -10.87
CA ILE A 202 -3.77 0.51 -10.69
C ILE A 202 -4.38 1.25 -9.52
N ALA A 203 -3.68 1.25 -8.38
CA ALA A 203 -4.21 1.91 -7.19
C ALA A 203 -4.37 3.41 -7.42
N ILE A 204 -3.39 4.04 -8.07
CA ILE A 204 -3.47 5.47 -8.30
C ILE A 204 -4.64 5.82 -9.21
N ASN A 205 -4.83 5.03 -10.27
CA ASN A 205 -5.77 5.41 -11.33
C ASN A 205 -7.20 4.93 -11.07
N CYS A 206 -7.40 3.89 -10.28
CA CYS A 206 -8.75 3.50 -9.91
C CYS A 206 -9.48 4.64 -9.20
N MET A 207 -8.84 5.21 -8.18
CA MET A 207 -9.47 6.30 -7.45
C MET A 207 -9.70 7.50 -8.34
N THR A 208 -8.75 7.81 -9.23
CA THR A 208 -8.91 8.97 -10.10
C THR A 208 -10.08 8.77 -11.05
N LEU A 209 -10.16 7.61 -11.71
CA LEU A 209 -11.25 7.35 -12.64
C LEU A 209 -12.60 7.39 -11.93
N ASN A 210 -12.69 6.71 -10.77
CA ASN A 210 -13.97 6.65 -10.07
C ASN A 210 -14.38 8.03 -9.55
N VAL A 211 -13.42 8.83 -9.08
CA VAL A 211 -13.73 10.17 -8.61
C VAL A 211 -14.19 11.06 -9.77
N GLU A 212 -13.50 10.98 -10.91
CA GLU A 212 -13.88 11.78 -12.05
C GLU A 212 -15.21 11.35 -12.64
N TRP A 213 -15.64 10.11 -12.39
CA TRP A 213 -16.92 9.62 -12.87
C TRP A 213 -18.02 9.70 -11.83
N MET A 214 -17.78 10.34 -10.69
CA MET A 214 -18.74 10.44 -9.61
C MET A 214 -18.95 11.90 -9.22
N PRO A 215 -20.10 12.23 -8.59
CA PRO A 215 -20.34 13.61 -8.17
C PRO A 215 -19.37 14.07 -7.10
N ILE A 216 -19.51 15.33 -6.67
CA ILE A 216 -18.56 15.89 -5.71
C ILE A 216 -18.85 15.37 -4.30
N HIS A 217 -20.07 14.93 -4.03
CA HIS A 217 -20.47 14.51 -2.69
C HIS A 217 -20.35 13.01 -2.47
N THR A 218 -19.61 12.30 -3.33
CA THR A 218 -19.42 10.86 -3.18
C THR A 218 -17.94 10.46 -3.21
N ARG A 219 -17.02 11.41 -3.35
CA ARG A 219 -15.61 11.07 -3.46
C ARG A 219 -15.06 10.55 -2.12
N ALA A 220 -15.51 11.13 -1.01
CA ALA A 220 -15.12 10.59 0.29
C ALA A 220 -15.63 9.17 0.46
N TYR A 221 -16.85 8.89 0.01
CA TYR A 221 -17.37 7.53 0.07
C TYR A 221 -16.55 6.59 -0.81
N VAL A 222 -16.09 7.08 -1.96
CA VAL A 222 -15.21 6.27 -2.81
C VAL A 222 -13.94 5.90 -2.06
N GLY A 223 -13.33 6.89 -1.40
CA GLY A 223 -12.13 6.60 -0.61
C GLY A 223 -12.40 5.61 0.51
N THR A 224 -13.55 5.74 1.16
CA THR A 224 -13.91 4.80 2.22
C THR A 224 -14.06 3.39 1.68
N LEU A 225 -14.66 3.25 0.49
CA LEU A 225 -14.79 1.94 -0.12
C LEU A 225 -13.41 1.37 -0.48
N ILE A 226 -12.49 2.23 -0.90
CA ILE A 226 -11.12 1.77 -1.17
C ILE A 226 -10.50 1.21 0.11
N GLY A 227 -10.65 1.94 1.21
CA GLY A 227 -10.13 1.43 2.48
C GLY A 227 -10.73 0.09 2.85
N TYR A 228 -12.06 -0.03 2.70
CA TYR A 228 -12.73 -1.28 3.06
C TYR A 228 -12.25 -2.44 2.18
N VAL A 229 -12.07 -2.20 0.89
CA VAL A 229 -11.66 -3.28 0.00
C VAL A 229 -10.23 -3.71 0.31
N TYR A 230 -9.36 -2.77 0.68
CA TYR A 230 -8.03 -3.15 1.13
C TYR A 230 -8.11 -4.02 2.38
N SER A 231 -8.96 -3.63 3.33
CA SER A 231 -9.12 -4.42 4.55
C SER A 231 -9.60 -5.84 4.22
N LEU A 232 -10.51 -5.97 3.25
CA LEU A 232 -11.00 -7.29 2.85
C LEU A 232 -9.90 -8.09 2.14
N GLY A 233 -9.07 -7.42 1.36
CA GLY A 233 -7.96 -8.10 0.71
C GLY A 233 -6.99 -8.68 1.71
N GLN A 234 -6.84 -8.04 2.86
CA GLN A 234 -5.99 -8.61 3.91
C GLN A 234 -6.53 -9.98 4.37
N PHE A 235 -7.85 -10.10 4.51
CA PHE A 235 -8.45 -11.41 4.80
C PHE A 235 -8.20 -12.39 3.66
N LEU A 236 -8.39 -11.91 2.43
CA LEU A 236 -8.26 -12.78 1.26
C LEU A 236 -6.86 -13.39 1.18
N LEU A 237 -5.84 -12.60 1.52
CA LEU A 237 -4.47 -13.10 1.47
C LEU A 237 -4.30 -14.30 2.40
N ALA A 238 -4.79 -14.18 3.63
CA ALA A 238 -4.69 -15.30 4.58
C ALA A 238 -5.41 -16.53 4.05
N GLY A 239 -6.63 -16.33 3.55
CA GLY A 239 -7.38 -17.47 3.05
C GLY A 239 -6.67 -18.19 1.92
N ILE A 240 -6.20 -17.43 0.93
CA ILE A 240 -5.52 -18.05 -0.20
C ILE A 240 -4.23 -18.72 0.24
N ALA A 241 -3.42 -18.04 1.06
CA ALA A 241 -2.15 -18.61 1.48
C ALA A 241 -2.35 -19.91 2.24
N TYR A 242 -3.38 -19.98 3.10
CA TYR A 242 -3.67 -21.23 3.77
C TYR A 242 -4.09 -22.30 2.75
N ALA A 243 -4.91 -21.94 1.77
CA ALA A 243 -5.42 -22.92 0.83
C ALA A 243 -4.27 -23.59 0.06
N VAL A 244 -3.37 -22.80 -0.49
CA VAL A 244 -2.28 -23.28 -1.32
C VAL A 244 -0.96 -22.83 -0.70
N PRO A 245 -0.22 -23.74 -0.04
CA PRO A 245 0.98 -23.32 0.70
C PRO A 245 2.21 -23.08 -0.16
N HIS A 246 2.35 -23.79 -1.28
CA HIS A 246 3.55 -23.66 -2.09
C HIS A 246 3.62 -22.29 -2.75
N TRP A 247 4.83 -21.72 -2.82
CA TRP A 247 4.97 -20.32 -3.19
C TRP A 247 4.69 -20.10 -4.68
N ARG A 248 5.14 -21.01 -5.53
CA ARG A 248 4.89 -20.84 -6.97
C ARG A 248 3.40 -20.84 -7.25
N HIS A 249 2.68 -21.80 -6.68
CA HIS A 249 1.24 -21.87 -6.87
C HIS A 249 0.54 -20.66 -6.25
N LEU A 250 1.01 -20.22 -5.08
CA LEU A 250 0.38 -19.08 -4.42
C LEU A 250 0.53 -17.82 -5.26
N GLN A 251 1.73 -17.55 -5.76
CA GLN A 251 1.94 -16.39 -6.62
C GLN A 251 1.12 -16.50 -7.90
N LEU A 252 1.07 -17.70 -8.49
CA LEU A 252 0.29 -17.89 -9.71
C LEU A 252 -1.18 -17.58 -9.46
N VAL A 253 -1.75 -18.09 -8.36
CA VAL A 253 -3.18 -17.91 -8.13
C VAL A 253 -3.51 -16.48 -7.74
N VAL A 254 -2.60 -15.78 -7.04
CA VAL A 254 -2.85 -14.37 -6.72
C VAL A 254 -2.50 -13.43 -7.86
N SER A 255 -1.89 -13.95 -8.94
CA SER A 255 -1.52 -13.11 -10.08
C SER A 255 -2.39 -13.31 -11.31
N VAL A 256 -2.91 -14.51 -11.54
CA VAL A 256 -3.68 -14.78 -12.77
C VAL A 256 -5.03 -14.07 -12.81
N PRO A 257 -5.70 -13.76 -11.69
CA PRO A 257 -6.99 -13.05 -11.81
C PRO A 257 -6.89 -11.73 -12.55
N PHE A 258 -5.71 -11.11 -12.56
CA PHE A 258 -5.55 -9.88 -13.32
C PHE A 258 -5.69 -10.11 -14.81
N PHE A 259 -5.56 -11.35 -15.29
CA PHE A 259 -5.89 -11.62 -16.68
C PHE A 259 -7.37 -11.40 -16.95
N ILE A 260 -8.25 -11.88 -16.06
CA ILE A 260 -9.68 -11.62 -16.21
C ILE A 260 -9.96 -10.13 -16.04
N ALA A 261 -9.25 -9.49 -15.12
CA ALA A 261 -9.42 -8.04 -14.94
C ALA A 261 -9.08 -7.31 -16.23
N PHE A 262 -7.97 -7.68 -16.87
CA PHE A 262 -7.60 -7.09 -18.14
C PHE A 262 -8.63 -7.39 -19.22
N ILE A 263 -9.17 -8.61 -19.22
CA ILE A 263 -10.14 -9.00 -20.24
C ILE A 263 -11.36 -8.09 -20.17
N TYR A 264 -11.90 -7.89 -18.97
CA TYR A 264 -13.10 -7.05 -18.85
C TYR A 264 -12.78 -5.57 -18.73
N SER A 265 -11.50 -5.18 -18.66
CA SER A 265 -11.16 -3.78 -18.60
C SER A 265 -11.42 -3.05 -19.91
N TRP A 266 -11.50 -3.77 -21.02
CA TRP A 266 -11.78 -3.10 -22.30
C TRP A 266 -13.17 -2.47 -22.34
N PHE A 267 -14.06 -2.87 -21.44
CA PHE A 267 -15.43 -2.37 -21.43
C PHE A 267 -15.59 -1.13 -20.57
N PHE A 268 -14.52 -0.63 -19.97
CA PHE A 268 -14.61 0.59 -19.18
C PHE A 268 -14.92 1.79 -20.08
N ILE A 269 -15.66 2.74 -19.51
CA ILE A 269 -15.96 4.00 -20.16
C ILE A 269 -15.02 5.04 -19.58
N GLU A 270 -14.25 5.70 -20.43
CA GLU A 270 -13.20 6.58 -19.95
C GLU A 270 -13.82 7.84 -19.35
N SER A 271 -13.11 8.44 -18.40
CA SER A 271 -13.63 9.60 -17.69
C SER A 271 -13.90 10.75 -18.67
N ALA A 272 -15.16 11.18 -18.72
CA ALA A 272 -15.51 12.32 -19.57
C ALA A 272 -14.83 13.60 -19.12
N ARG A 273 -14.49 13.69 -17.83
CA ARG A 273 -13.77 14.85 -17.33
C ARG A 273 -12.42 14.99 -18.02
N TRP A 274 -11.69 13.88 -18.16
CA TRP A 274 -10.41 13.92 -18.84
C TRP A 274 -10.58 14.32 -20.31
N TYR A 275 -11.59 13.74 -20.97
CA TYR A 275 -11.86 14.08 -22.35
C TYR A 275 -12.09 15.58 -22.51
N SER A 276 -12.91 16.16 -21.63
CA SER A 276 -13.17 17.59 -21.71
C SER A 276 -11.90 18.40 -21.45
N SER A 277 -11.14 18.02 -20.42
CA SER A 277 -9.91 18.75 -20.11
C SER A 277 -8.87 18.61 -21.22
N SER A 278 -8.96 17.56 -22.03
CA SER A 278 -8.05 17.35 -23.15
C SER A 278 -8.52 18.00 -24.43
N GLY A 279 -9.61 18.77 -24.38
CA GLY A 279 -10.12 19.45 -25.56
C GLY A 279 -10.70 18.53 -26.61
N ARG A 280 -11.42 17.49 -26.18
CA ARG A 280 -12.13 16.58 -27.07
C ARG A 280 -13.59 16.59 -26.64
N LEU A 281 -14.36 17.54 -27.17
CA LEU A 281 -15.74 17.69 -26.75
C LEU A 281 -16.63 16.62 -27.36
N ASP A 282 -16.33 16.18 -28.58
CA ASP A 282 -17.11 15.09 -29.18
C ASP A 282 -16.99 13.81 -28.36
N LEU A 283 -15.77 13.50 -27.91
CA LEU A 283 -15.58 12.32 -27.08
C LEU A 283 -16.31 12.45 -25.76
N THR A 284 -16.30 13.66 -25.17
CA THR A 284 -17.04 13.89 -23.93
C THR A 284 -18.52 13.65 -24.14
N LEU A 285 -19.08 14.18 -25.24
CA LEU A 285 -20.50 13.97 -25.50
C LEU A 285 -20.79 12.49 -25.71
N ARG A 286 -19.93 11.79 -26.43
CA ARG A 286 -20.16 10.36 -26.67
C ARG A 286 -20.17 9.58 -25.37
N ALA A 287 -19.19 9.85 -24.50
CA ALA A 287 -19.12 9.16 -23.22
C ALA A 287 -20.34 9.46 -22.36
N LEU A 288 -20.74 10.73 -22.28
CA LEU A 288 -21.91 11.09 -21.50
C LEU A 288 -23.17 10.44 -22.06
N GLN A 289 -23.26 10.36 -23.40
CA GLN A 289 -24.41 9.73 -24.03
C GLN A 289 -24.47 8.26 -23.64
N ARG A 290 -23.33 7.56 -23.69
CA ARG A 290 -23.31 6.16 -23.29
C ARG A 290 -23.70 6.00 -21.82
N VAL A 291 -23.19 6.87 -20.95
CA VAL A 291 -23.56 6.79 -19.53
C VAL A 291 -25.06 6.99 -19.37
N ALA A 292 -25.64 7.95 -20.11
CA ALA A 292 -27.07 8.15 -20.06
C ALA A 292 -27.82 6.90 -20.49
N ARG A 293 -27.35 6.25 -21.56
CA ARG A 293 -28.01 5.03 -22.01
C ARG A 293 -27.97 3.95 -20.93
N ILE A 294 -26.83 3.79 -20.27
CA ILE A 294 -26.73 2.78 -19.23
C ILE A 294 -27.55 3.18 -18.01
N ASN A 295 -27.46 4.44 -17.60
CA ASN A 295 -28.20 4.93 -16.44
C ASN A 295 -29.69 5.07 -16.70
N GLY A 296 -30.13 4.99 -17.95
CA GLY A 296 -31.55 5.12 -18.26
C GLY A 296 -32.04 6.53 -18.46
N LYS A 297 -31.15 7.48 -18.76
CA LYS A 297 -31.52 8.88 -18.93
C LYS A 297 -31.27 9.33 -20.36
N GLN A 298 -31.67 8.51 -21.33
CA GLN A 298 -31.43 8.86 -22.74
C GLN A 298 -32.07 10.19 -23.10
N GLU A 299 -33.29 10.44 -22.59
CA GLU A 299 -33.97 11.68 -22.90
C GLU A 299 -33.19 12.89 -22.38
N GLU A 300 -32.66 12.79 -21.16
CA GLU A 300 -31.85 13.88 -20.63
C GLU A 300 -30.49 13.95 -21.32
N GLY A 301 -29.96 12.80 -21.73
CA GLY A 301 -28.67 12.80 -22.42
C GLY A 301 -28.74 13.49 -23.77
N ALA A 302 -29.85 13.29 -24.50
CA ALA A 302 -29.98 13.88 -25.82
C ALA A 302 -29.92 15.41 -25.76
N LYS A 303 -30.31 16.00 -24.62
CA LYS A 303 -30.23 17.45 -24.48
C LYS A 303 -28.80 17.94 -24.61
N LEU A 304 -27.85 17.17 -24.08
CA LEU A 304 -26.45 17.58 -24.12
C LEU A 304 -25.98 17.73 -25.56
N SER A 305 -25.11 18.72 -25.79
CA SER A 305 -24.58 18.99 -27.12
C SER A 305 -23.25 19.71 -26.95
N ILE A 306 -22.49 19.77 -28.05
CA ILE A 306 -21.15 20.34 -28.00
C ILE A 306 -21.21 21.79 -27.50
N GLU A 307 -22.17 22.56 -27.99
CA GLU A 307 -22.29 23.95 -27.55
C GLU A 307 -22.63 24.02 -26.06
N VAL A 308 -23.51 23.15 -25.58
CA VAL A 308 -23.88 23.15 -24.17
C VAL A 308 -22.67 22.81 -23.31
N LEU A 309 -21.92 21.78 -23.69
CA LEU A 309 -20.74 21.39 -22.93
C LEU A 309 -19.70 22.50 -22.93
N ARG A 310 -19.51 23.16 -24.08
CA ARG A 310 -18.55 24.25 -24.16
C ARG A 310 -18.97 25.40 -23.24
N THR A 311 -20.24 25.80 -23.30
CA THR A 311 -20.72 26.90 -22.49
C THR A 311 -20.72 26.55 -21.01
N SER A 312 -20.75 25.26 -20.65
CA SER A 312 -20.70 24.86 -19.26
C SER A 312 -19.27 24.77 -18.74
N LEU A 313 -18.33 24.30 -19.55
CA LEU A 313 -16.95 24.08 -19.13
C LEU A 313 -16.00 25.21 -19.51
N GLN A 314 -16.52 26.30 -20.09
CA GLN A 314 -15.63 27.43 -20.39
C GLN A 314 -14.93 27.94 -19.14
N LYS A 315 -15.63 27.97 -18.01
CA LYS A 315 -15.03 28.47 -16.77
C LYS A 315 -13.91 27.56 -16.31
N GLU A 316 -14.17 26.26 -16.25
CA GLU A 316 -13.14 25.32 -15.78
C GLU A 316 -11.95 25.30 -16.72
N LEU A 317 -12.20 25.35 -18.03
CA LEU A 317 -11.10 25.36 -19.00
C LEU A 317 -10.41 26.71 -19.01
N ALA A 324 -0.60 25.37 -8.94
CA ALA A 324 0.75 25.77 -9.27
C ALA A 324 1.67 24.56 -9.36
N SER A 325 2.93 24.80 -9.70
CA SER A 325 3.89 23.72 -9.86
C SER A 325 4.40 23.24 -8.50
N ALA A 326 5.00 22.06 -8.50
CA ALA A 326 5.56 21.49 -7.28
C ALA A 326 6.86 22.17 -6.85
N MET A 327 7.44 23.01 -7.71
CA MET A 327 8.68 23.68 -7.37
C MET A 327 8.48 24.92 -6.52
N GLU A 328 7.24 25.39 -6.37
CA GLU A 328 6.96 26.48 -5.43
C GLU A 328 6.82 25.99 -4.00
N LEU A 329 6.66 24.68 -3.79
CA LEU A 329 6.63 24.15 -2.43
C LEU A 329 7.93 24.43 -1.70
N LEU A 330 9.02 24.68 -2.42
CA LEU A 330 10.30 25.00 -1.80
C LEU A 330 10.68 26.47 -1.93
N ARG A 331 10.12 27.19 -2.89
CA ARG A 331 10.46 28.60 -3.04
C ARG A 331 9.82 29.45 -1.95
N CYS A 332 8.55 29.19 -1.64
CA CYS A 332 7.81 30.00 -0.68
C CYS A 332 7.92 29.37 0.71
N PRO A 333 8.50 30.06 1.70
CA PRO A 333 8.71 29.40 3.01
C PRO A 333 7.43 28.94 3.67
N THR A 334 6.33 29.68 3.50
CA THR A 334 5.09 29.33 4.17
C THR A 334 4.59 27.96 3.74
N LEU A 335 4.66 27.68 2.44
CA LEU A 335 4.33 26.35 1.96
C LEU A 335 5.46 25.36 2.20
N ARG A 336 6.71 25.85 2.26
CA ARG A 336 7.85 24.97 2.50
C ARG A 336 7.74 24.27 3.84
N HIS A 337 7.37 25.01 4.89
CA HIS A 337 7.29 24.40 6.22
C HIS A 337 6.23 23.31 6.23
N LEU A 338 5.06 23.58 5.65
CA LEU A 338 4.00 22.58 5.60
C LEU A 338 4.45 21.36 4.82
N PHE A 339 5.10 21.57 3.68
CA PHE A 339 5.55 20.45 2.86
C PHE A 339 6.53 19.58 3.63
N LEU A 340 7.50 20.20 4.28
CA LEU A 340 8.48 19.42 5.05
C LEU A 340 7.79 18.60 6.13
N CYS A 341 6.96 19.25 6.95
CA CYS A 341 6.34 18.55 8.07
C CYS A 341 5.46 17.40 7.59
N LEU A 342 4.66 17.65 6.55
CA LEU A 342 3.80 16.59 6.05
C LEU A 342 4.60 15.47 5.41
N SER A 343 5.76 15.78 4.82
CA SER A 343 6.63 14.74 4.31
C SER A 343 7.13 13.84 5.43
N MET A 344 7.59 14.44 6.53
CA MET A 344 7.95 13.63 7.70
C MET A 344 6.80 12.73 8.11
N LEU A 345 5.60 13.29 8.21
CA LEU A 345 4.47 12.51 8.71
C LEU A 345 4.16 11.32 7.80
N TRP A 346 4.06 11.58 6.49
CA TRP A 346 3.73 10.52 5.55
C TRP A 346 4.81 9.43 5.56
N PHE A 347 6.07 9.85 5.51
CA PHE A 347 7.17 8.89 5.50
C PHE A 347 7.13 8.03 6.76
N ALA A 348 6.97 8.65 7.92
CA ALA A 348 6.97 7.89 9.17
C ALA A 348 5.84 6.88 9.20
N THR A 349 4.63 7.31 8.79
CA THR A 349 3.50 6.40 8.80
C THR A 349 3.78 5.18 7.93
N SER A 350 4.16 5.40 6.67
CA SER A 350 4.37 4.27 5.77
C SER A 350 5.52 3.39 6.25
N PHE A 351 6.62 4.01 6.67
CA PHE A 351 7.80 3.27 7.10
C PHE A 351 7.47 2.34 8.26
N ALA A 352 6.88 2.88 9.32
CA ALA A 352 6.55 2.06 10.48
C ALA A 352 5.52 1.02 10.12
N TYR A 353 4.52 1.39 9.31
CA TYR A 353 3.47 0.44 8.97
C TYR A 353 4.04 -0.78 8.28
N TYR A 354 4.86 -0.58 7.24
CA TYR A 354 5.34 -1.72 6.49
C TYR A 354 6.37 -2.52 7.28
N GLY A 355 7.22 -1.82 8.05
CA GLY A 355 8.13 -2.54 8.92
C GLY A 355 7.39 -3.46 9.88
N LEU A 356 6.27 -3.00 10.42
CA LEU A 356 5.53 -3.81 11.37
C LEU A 356 4.79 -4.96 10.68
N VAL A 357 4.15 -4.69 9.54
CA VAL A 357 3.29 -5.71 8.93
C VAL A 357 4.03 -6.72 8.08
N MET A 358 5.31 -6.49 7.76
CA MET A 358 6.08 -7.46 6.99
C MET A 358 6.86 -8.42 7.89
N ASP A 359 6.39 -8.68 9.10
CA ASP A 359 7.11 -9.50 10.08
C ASP A 359 6.16 -10.43 10.83
N LEU A 360 5.22 -11.05 10.10
CA LEU A 360 4.19 -11.85 10.74
C LEU A 360 4.72 -13.15 11.34
N GLN A 361 5.91 -13.58 10.98
CA GLN A 361 6.44 -14.85 11.46
C GLN A 361 7.17 -14.74 12.79
N GLY A 362 7.40 -13.53 13.28
CA GLY A 362 8.16 -13.30 14.50
C GLY A 362 7.35 -13.24 15.78
N PHE A 363 6.05 -13.51 15.73
CA PHE A 363 5.19 -13.43 16.91
C PHE A 363 4.91 -14.77 17.55
N GLY A 364 5.53 -15.85 17.06
CA GLY A 364 5.33 -17.16 17.66
C GLY A 364 3.93 -17.72 17.50
N VAL A 365 3.10 -17.12 16.66
CA VAL A 365 1.75 -17.58 16.40
C VAL A 365 1.60 -17.79 14.90
N SER A 366 0.66 -18.66 14.53
CA SER A 366 0.47 -19.02 13.13
C SER A 366 0.22 -17.78 12.28
N MET A 367 0.94 -17.68 11.15
CA MET A 367 0.84 -16.49 10.34
C MET A 367 -0.56 -16.27 9.79
N TYR A 368 -1.32 -17.35 9.59
CA TYR A 368 -2.69 -17.19 9.09
C TYR A 368 -3.55 -16.48 10.11
N LEU A 369 -3.45 -16.88 11.38
CA LEU A 369 -4.20 -16.20 12.44
C LEU A 369 -3.78 -14.75 12.57
N ILE A 370 -2.47 -14.49 12.51
CA ILE A 370 -1.98 -13.12 12.67
C ILE A 370 -2.47 -12.25 11.52
N GLN A 371 -2.41 -12.76 10.29
CA GLN A 371 -2.87 -12.00 9.14
C GLN A 371 -4.38 -11.74 9.24
N VAL A 372 -5.15 -12.74 9.67
CA VAL A 372 -6.58 -12.55 9.84
C VAL A 372 -6.86 -11.46 10.86
N ILE A 373 -6.15 -11.49 11.99
CA ILE A 373 -6.38 -10.49 13.02
C ILE A 373 -5.95 -9.11 12.56
N PHE A 374 -4.86 -9.04 11.80
CA PHE A 374 -4.42 -7.76 11.24
C PHE A 374 -5.47 -7.19 10.30
N GLY A 375 -6.07 -8.03 9.46
CA GLY A 375 -7.14 -7.57 8.60
C GLY A 375 -8.36 -7.14 9.39
N ALA A 376 -8.68 -7.86 10.47
CA ALA A 376 -9.86 -7.54 11.25
C ALA A 376 -9.71 -6.23 12.02
N VAL A 377 -8.51 -5.93 12.50
CA VAL A 377 -8.30 -4.80 13.40
C VAL A 377 -8.44 -3.46 12.68
N ASP A 378 -8.62 -3.49 11.36
CA ASP A 378 -8.68 -2.25 10.60
C ASP A 378 -10.00 -1.51 10.75
N LEU A 379 -11.07 -2.20 11.12
CA LEU A 379 -12.39 -1.57 11.26
C LEU A 379 -12.48 -0.78 12.58
N PRO A 380 -12.22 -1.38 13.73
CA PRO A 380 -12.21 -0.57 14.97
C PRO A 380 -11.19 0.55 14.93
N ALA A 381 -10.07 0.34 14.25
CA ALA A 381 -9.07 1.40 14.13
C ALA A 381 -9.67 2.63 13.47
N LYS A 382 -10.31 2.45 12.32
N LYS A 382 -10.31 2.44 12.31
CA LYS A 382 -10.89 3.61 11.63
CA LYS A 382 -10.91 3.57 11.61
C LYS A 382 -12.09 4.16 12.39
C LYS A 382 -12.08 4.16 12.39
N PHE A 383 -12.82 3.31 13.11
CA PHE A 383 -13.93 3.82 13.93
C PHE A 383 -13.41 4.78 15.00
N VAL A 384 -12.39 4.35 15.75
CA VAL A 384 -11.82 5.21 16.78
C VAL A 384 -11.20 6.44 16.16
N CYS A 385 -10.57 6.28 14.99
CA CYS A 385 -9.97 7.42 14.30
C CYS A 385 -11.02 8.47 13.96
N PHE A 386 -12.15 8.02 13.42
CA PHE A 386 -13.24 8.94 13.06
C PHE A 386 -13.73 9.67 14.31
N LEU A 387 -13.98 8.93 15.39
CA LEU A 387 -14.44 9.56 16.62
C LEU A 387 -13.46 10.63 17.08
N VAL A 388 -12.16 10.30 17.07
CA VAL A 388 -11.17 11.23 17.60
C VAL A 388 -11.05 12.46 16.73
N ILE A 389 -11.04 12.30 15.40
CA ILE A 389 -10.93 13.47 14.53
C ILE A 389 -12.13 14.38 14.72
N ASN A 390 -13.34 13.80 14.70
CA ASN A 390 -14.53 14.63 14.80
C ASN A 390 -14.59 15.35 16.15
N SER A 391 -14.19 14.66 17.23
CA SER A 391 -14.36 15.22 18.56
C SER A 391 -13.22 16.18 18.93
N MET A 392 -11.98 15.68 18.95
CA MET A 392 -10.86 16.51 19.40
C MET A 392 -10.30 17.36 18.26
N GLY A 393 -9.89 16.73 17.18
CA GLY A 393 -9.31 17.46 16.06
C GLY A 393 -8.40 16.56 15.26
N ARG A 394 -7.74 17.18 14.28
CA ARG A 394 -6.81 16.45 13.42
C ARG A 394 -5.43 16.32 14.06
N ARG A 395 -4.92 17.41 14.64
CA ARG A 395 -3.61 17.34 15.28
C ARG A 395 -3.58 16.37 16.46
N PRO A 396 -4.51 16.44 17.41
CA PRO A 396 -4.52 15.41 18.47
C PRO A 396 -4.64 14.00 17.93
N ALA A 397 -5.46 13.80 16.89
CA ALA A 397 -5.63 12.48 16.32
C ALA A 397 -4.32 11.95 15.75
N GLN A 398 -3.61 12.79 15.00
CA GLN A 398 -2.36 12.37 14.39
C GLN A 398 -1.31 12.08 15.45
N MET A 399 -1.18 12.97 16.43
CA MET A 399 -0.23 12.76 17.51
C MET A 399 -0.53 11.45 18.23
N ALA A 400 -1.79 11.24 18.61
CA ALA A 400 -2.14 10.03 19.34
C ALA A 400 -1.85 8.79 18.53
N SER A 401 -2.24 8.78 17.25
CA SER A 401 -2.02 7.59 16.42
C SER A 401 -0.54 7.27 16.30
N LEU A 402 0.27 8.26 15.91
CA LEU A 402 1.69 8.01 15.68
C LEU A 402 2.38 7.62 16.98
N LEU A 403 2.10 8.35 18.07
CA LEU A 403 2.76 8.08 19.33
C LEU A 403 2.39 6.68 19.85
N LEU A 404 1.12 6.30 19.77
CA LEU A 404 0.72 4.99 20.27
C LEU A 404 1.31 3.88 19.42
N ALA A 405 1.35 4.06 18.10
CA ALA A 405 1.99 3.05 17.26
C ALA A 405 3.48 2.91 17.61
N GLY A 406 4.17 4.03 17.79
CA GLY A 406 5.58 3.96 18.14
C GLY A 406 5.82 3.27 19.46
N ILE A 407 5.04 3.65 20.49
CA ILE A 407 5.21 3.03 21.79
C ILE A 407 4.90 1.54 21.72
N CYS A 408 3.85 1.17 20.98
CA CYS A 408 3.49 -0.24 20.88
C CYS A 408 4.62 -1.03 20.24
N ILE A 409 5.21 -0.51 19.16
CA ILE A 409 6.28 -1.23 18.49
C ILE A 409 7.53 -1.30 19.37
N LEU A 410 7.84 -0.21 20.08
CA LEU A 410 9.01 -0.23 20.96
C LEU A 410 8.84 -1.24 22.09
N VAL A 411 7.66 -1.27 22.71
CA VAL A 411 7.42 -2.25 23.77
C VAL A 411 7.47 -3.66 23.21
N ASN A 412 6.91 -3.87 22.01
CA ASN A 412 7.05 -5.16 21.35
C ASN A 412 8.52 -5.55 21.23
N GLY A 413 9.36 -4.58 20.90
CA GLY A 413 10.79 -4.86 20.83
C GLY A 413 11.36 -5.27 22.17
N ILE A 414 10.96 -4.56 23.24
CA ILE A 414 11.55 -4.83 24.55
C ILE A 414 11.07 -6.17 25.10
N ILE A 415 9.78 -6.49 24.92
CA ILE A 415 9.23 -7.68 25.57
C ILE A 415 9.93 -8.92 25.03
N PRO A 416 10.20 -9.95 25.85
CA PRO A 416 10.84 -11.16 25.32
C PRO A 416 9.97 -11.85 24.29
N LYS A 417 10.63 -12.54 23.35
CA LYS A 417 9.91 -13.21 22.28
C LYS A 417 9.06 -14.37 22.79
N SER A 418 9.33 -14.88 23.99
CA SER A 418 8.58 -16.03 24.49
C SER A 418 7.14 -15.68 24.87
N HIS A 419 6.79 -14.40 24.94
CA HIS A 419 5.43 -13.98 25.26
C HIS A 419 4.68 -13.74 23.94
N THR A 420 4.22 -14.84 23.35
CA THR A 420 3.57 -14.75 22.04
C THR A 420 2.28 -13.96 22.10
N ILE A 421 1.45 -14.20 23.12
CA ILE A 421 0.12 -13.59 23.16
C ILE A 421 0.24 -12.08 23.36
N ILE A 422 1.07 -11.65 24.32
CA ILE A 422 1.19 -10.23 24.62
C ILE A 422 1.80 -9.49 23.44
N ARG A 423 2.85 -10.04 22.85
CA ARG A 423 3.49 -9.39 21.71
C ARG A 423 2.55 -9.34 20.51
N THR A 424 1.78 -10.39 20.30
CA THR A 424 0.79 -10.38 19.22
C THR A 424 -0.25 -9.29 19.45
N SER A 425 -0.74 -9.16 20.68
CA SER A 425 -1.73 -8.13 20.98
C SER A 425 -1.14 -6.74 20.73
N LEU A 426 0.10 -6.52 21.16
CA LEU A 426 0.70 -5.20 20.96
C LEU A 426 0.96 -4.92 19.49
N ALA A 427 1.35 -5.94 18.72
CA ALA A 427 1.52 -5.76 17.28
C ALA A 427 0.20 -5.40 16.61
N VAL A 428 -0.88 -6.06 17.00
CA VAL A 428 -2.20 -5.75 16.44
C VAL A 428 -2.60 -4.33 16.78
N LEU A 429 -2.36 -3.92 18.04
CA LEU A 429 -2.68 -2.54 18.43
C LEU A 429 -1.88 -1.53 17.62
N GLY A 430 -0.59 -1.79 17.42
CA GLY A 430 0.22 -0.89 16.61
C GLY A 430 -0.25 -0.83 15.16
N LYS A 431 -0.65 -1.97 14.61
CA LYS A 431 -1.17 -1.99 13.24
C LYS A 431 -2.42 -1.13 13.12
N GLY A 432 -3.35 -1.29 14.07
CA GLY A 432 -4.54 -0.46 14.06
C GLY A 432 -4.23 1.01 14.19
N CYS A 433 -3.27 1.35 15.07
CA CYS A 433 -2.88 2.74 15.24
C CYS A 433 -2.29 3.30 13.95
N LEU A 434 -1.50 2.51 13.24
CA LEU A 434 -0.89 2.99 12.01
C LEU A 434 -1.91 3.17 10.90
N ALA A 435 -2.91 2.29 10.83
CA ALA A 435 -4.00 2.50 9.88
C ALA A 435 -4.77 3.79 10.19
N SER A 436 -5.07 4.00 11.47
CA SER A 436 -5.69 5.26 11.87
C SER A 436 -4.83 6.45 11.46
N SER A 437 -3.51 6.32 11.63
CA SER A 437 -2.62 7.40 11.23
C SER A 437 -2.69 7.66 9.73
N PHE A 438 -2.79 6.59 8.94
CA PHE A 438 -2.92 6.76 7.49
C PHE A 438 -4.16 7.58 7.15
N ASN A 439 -5.31 7.19 7.71
CA ASN A 439 -6.53 7.93 7.42
C ASN A 439 -6.41 9.39 7.86
N CYS A 440 -5.91 9.60 9.07
CA CYS A 440 -5.81 10.94 9.61
C CYS A 440 -4.87 11.80 8.78
N ILE A 441 -3.74 11.25 8.33
CA ILE A 441 -2.79 12.05 7.59
C ILE A 441 -3.36 12.41 6.22
N PHE A 442 -4.10 11.49 5.59
CA PHE A 442 -4.76 11.85 4.33
C PHE A 442 -5.68 13.04 4.56
N LEU A 443 -6.56 12.96 5.56
CA LEU A 443 -7.49 14.06 5.78
C LEU A 443 -6.75 15.35 6.10
N TYR A 444 -5.72 15.27 6.93
CA TYR A 444 -5.03 16.47 7.39
C TYR A 444 -4.28 17.15 6.25
N THR A 445 -3.60 16.37 5.39
CA THR A 445 -2.91 16.99 4.26
C THR A 445 -3.91 17.53 3.25
N GLY A 446 -5.07 16.90 3.14
CA GLY A 446 -6.11 17.46 2.28
C GLY A 446 -6.56 18.83 2.76
N GLU A 447 -6.79 18.96 4.07
CA GLU A 447 -7.29 20.22 4.59
C GLU A 447 -6.21 21.26 4.84
N LEU A 448 -4.93 20.88 4.80
CA LEU A 448 -3.87 21.81 5.17
C LEU A 448 -3.49 22.73 4.01
N TYR A 449 -3.32 22.17 2.83
CA TYR A 449 -2.81 22.93 1.70
C TYR A 449 -3.87 23.87 1.13
N PRO A 450 -3.46 24.97 0.50
CA PRO A 450 -4.42 25.77 -0.26
C PRO A 450 -4.81 25.06 -1.55
N THR A 451 -5.99 25.41 -2.06
CA THR A 451 -6.50 24.73 -3.24
C THR A 451 -5.63 24.98 -4.47
N VAL A 452 -4.78 26.01 -4.45
CA VAL A 452 -3.90 26.27 -5.57
C VAL A 452 -2.87 25.16 -5.73
N ILE A 453 -2.40 24.60 -4.62
CA ILE A 453 -1.33 23.61 -4.63
C ILE A 453 -1.72 22.38 -3.81
N ARG A 454 -3.02 22.18 -3.62
CA ARG A 454 -3.48 21.09 -2.77
C ARG A 454 -3.14 19.72 -3.36
N GLN A 455 -3.48 19.50 -4.62
CA GLN A 455 -3.27 18.18 -5.22
C GLN A 455 -1.80 17.84 -5.32
N THR A 456 -0.96 18.82 -5.64
CA THR A 456 0.48 18.59 -5.66
C THR A 456 0.98 18.16 -4.29
N GLY A 457 0.48 18.81 -3.24
CA GLY A 457 0.87 18.43 -1.89
C GLY A 457 0.44 17.02 -1.53
N LEU A 458 -0.78 16.64 -1.91
CA LEU A 458 -1.23 15.27 -1.65
C LEU A 458 -0.35 14.27 -2.39
N GLY A 459 -0.04 14.56 -3.65
CA GLY A 459 0.82 13.66 -4.40
C GLY A 459 2.19 13.52 -3.78
N MET A 460 2.77 14.64 -3.32
CA MET A 460 4.08 14.59 -2.70
C MET A 460 4.04 13.79 -1.39
N GLY A 461 2.97 13.97 -0.60
CA GLY A 461 2.85 13.17 0.62
C GLY A 461 2.77 11.68 0.33
N SER A 462 1.98 11.30 -0.69
CA SER A 462 1.91 9.89 -1.05
C SER A 462 3.26 9.40 -1.57
N THR A 463 4.00 10.25 -2.27
CA THR A 463 5.34 9.88 -2.72
C THR A 463 6.26 9.59 -1.54
N MET A 464 6.20 10.42 -0.50
CA MET A 464 7.01 10.16 0.68
C MET A 464 6.58 8.89 1.39
N ALA A 465 5.28 8.60 1.39
CA ALA A 465 4.84 7.32 1.94
C ALA A 465 5.45 6.15 1.15
N ARG A 466 5.49 6.26 -0.17
CA ARG A 466 6.09 5.21 -0.99
C ARG A 466 7.58 5.08 -0.69
N VAL A 467 8.26 6.20 -0.48
CA VAL A 467 9.67 6.16 -0.12
C VAL A 467 9.88 5.44 1.21
N GLY A 468 9.01 5.72 2.19
CA GLY A 468 9.09 4.99 3.44
C GLY A 468 8.89 3.50 3.28
N SER A 469 7.93 3.11 2.43
CA SER A 469 7.73 1.69 2.16
C SER A 469 8.95 1.07 1.48
N ILE A 470 9.62 1.83 0.62
CA ILE A 470 10.86 1.36 0.02
C ILE A 470 11.92 1.13 1.09
N VAL A 471 12.04 2.06 2.03
CA VAL A 471 13.14 2.03 2.99
C VAL A 471 12.91 1.03 4.12
N SER A 472 11.66 0.65 4.40
CA SER A 472 11.41 -0.26 5.51
C SER A 472 12.18 -1.58 5.40
N PRO A 473 12.16 -2.30 4.27
CA PRO A 473 12.97 -3.53 4.19
C PRO A 473 14.46 -3.29 4.36
N LEU A 474 14.97 -2.15 3.91
CA LEU A 474 16.38 -1.84 4.11
C LEU A 474 16.71 -1.83 5.60
N VAL A 475 15.89 -1.14 6.40
CA VAL A 475 16.11 -1.13 7.85
C VAL A 475 15.94 -2.54 8.41
N SER A 476 14.94 -3.28 7.93
CA SER A 476 14.71 -4.63 8.43
C SER A 476 15.89 -5.56 8.15
N MET A 477 16.71 -5.24 7.14
CA MET A 477 17.89 -6.05 6.87
C MET A 477 18.86 -6.08 8.04
N THR A 478 18.78 -5.12 8.96
CA THR A 478 19.71 -5.04 10.08
C THR A 478 19.45 -6.10 11.15
N ALA A 479 18.37 -6.87 11.04
CA ALA A 479 18.09 -7.92 12.01
C ALA A 479 19.18 -8.98 12.05
N GLU A 480 19.99 -9.08 11.00
CA GLU A 480 21.05 -10.08 10.97
C GLU A 480 22.06 -9.84 12.09
N PHE A 481 22.42 -8.57 12.32
CA PHE A 481 23.41 -8.23 13.33
C PHE A 481 22.77 -8.01 14.69
N TYR A 482 21.86 -7.05 14.79
CA TYR A 482 21.13 -6.76 16.01
C TYR A 482 19.71 -7.28 15.87
N PRO A 483 19.31 -8.35 16.57
CA PRO A 483 17.99 -8.93 16.28
C PRO A 483 16.81 -7.97 16.44
N SER A 484 16.87 -7.05 17.40
CA SER A 484 15.73 -6.20 17.73
C SER A 484 15.87 -4.76 17.24
N MET A 485 16.98 -4.42 16.60
CA MET A 485 17.13 -3.06 16.09
C MET A 485 16.03 -2.65 15.11
N PRO A 486 15.57 -3.49 14.18
CA PRO A 486 14.50 -3.06 13.28
C PRO A 486 13.26 -2.61 14.02
N LEU A 487 12.84 -3.33 15.06
CA LEU A 487 11.67 -2.92 15.82
C LEU A 487 11.92 -1.59 16.51
N PHE A 488 13.13 -1.38 17.03
CA PHE A 488 13.44 -0.12 17.69
C PHE A 488 13.34 1.05 16.73
N ILE A 489 13.84 0.90 15.51
CA ILE A 489 13.74 2.00 14.55
C ILE A 489 12.30 2.21 14.11
N PHE A 490 11.58 1.12 13.84
CA PHE A 490 10.19 1.22 13.40
C PHE A 490 9.34 1.91 14.46
N GLY A 491 9.64 1.68 15.74
CA GLY A 491 8.91 2.37 16.79
C GLY A 491 9.40 3.77 17.07
N ALA A 492 10.69 4.04 16.82
CA ALA A 492 11.24 5.35 17.14
C ALA A 492 10.84 6.40 16.12
N VAL A 493 10.74 6.02 14.85
CA VAL A 493 10.40 7.01 13.82
C VAL A 493 9.03 7.63 14.05
N PRO A 494 7.96 6.87 14.29
CA PRO A 494 6.65 7.49 14.56
C PRO A 494 6.65 8.43 15.75
N VAL A 495 7.46 8.19 16.77
CA VAL A 495 7.49 9.10 17.91
C VAL A 495 7.99 10.48 17.48
N VAL A 496 9.06 10.50 16.68
CA VAL A 496 9.57 11.77 16.19
C VAL A 496 8.57 12.43 15.26
N ALA A 497 7.87 11.63 14.45
CA ALA A 497 6.83 12.20 13.58
C ALA A 497 5.70 12.81 14.40
N SER A 498 5.29 12.14 15.48
CA SER A 498 4.25 12.68 16.34
C SER A 498 4.71 13.98 16.98
N ALA A 499 5.96 14.06 17.40
CA ALA A 499 6.50 15.32 17.89
C ALA A 499 6.44 16.39 16.81
N VAL A 500 6.76 16.03 15.57
CA VAL A 500 6.74 16.99 14.47
C VAL A 500 5.32 17.49 14.22
N THR A 501 4.32 16.65 14.46
CA THR A 501 2.94 17.06 14.21
C THR A 501 2.57 18.30 15.02
N ALA A 502 3.25 18.55 16.14
CA ALA A 502 2.95 19.70 16.97
C ALA A 502 3.22 21.03 16.28
N LEU A 503 3.93 21.04 15.16
CA LEU A 503 4.22 22.28 14.46
C LEU A 503 3.08 22.71 13.54
N LEU A 504 2.30 21.76 13.05
CA LEU A 504 1.23 22.09 12.11
C LEU A 504 0.10 22.82 12.81
N PRO A 505 -0.71 23.58 12.08
CA PRO A 505 -1.86 24.25 12.68
C PRO A 505 -3.08 23.33 12.70
N GLU A 506 -4.10 23.79 13.41
CA GLU A 506 -5.36 23.05 13.51
C GLU A 506 -6.28 23.47 12.37
N THR A 507 -6.93 22.48 11.75
CA THR A 507 -7.84 22.72 10.64
C THR A 507 -9.28 22.37 10.96
N LEU A 508 -9.55 21.71 12.09
CA LEU A 508 -10.93 21.40 12.46
C LEU A 508 -11.72 22.68 12.64
N GLY A 509 -12.93 22.71 12.08
CA GLY A 509 -13.77 23.88 12.21
C GLY A 509 -13.15 25.14 11.62
N GLN A 510 -12.51 25.01 10.46
CA GLN A 510 -11.87 26.14 9.79
C GLN A 510 -12.16 26.06 8.31
N PRO A 511 -12.15 27.19 7.61
CA PRO A 511 -12.38 27.17 6.16
C PRO A 511 -11.15 26.70 5.41
N LEU A 512 -11.38 25.95 4.34
CA LEU A 512 -10.28 25.45 3.53
C LEU A 512 -9.60 26.61 2.81
N PRO A 513 -8.29 26.79 2.95
CA PRO A 513 -7.63 27.91 2.27
C PRO A 513 -7.66 27.74 0.76
N ASP A 514 -7.64 28.86 0.05
CA ASP A 514 -7.67 28.87 -1.41
C ASP A 514 -6.42 29.44 -2.05
N THR A 515 -5.65 30.28 -1.35
CA THR A 515 -4.40 30.82 -1.86
C THR A 515 -3.40 30.90 -0.72
N VAL A 516 -2.14 31.20 -1.07
CA VAL A 516 -1.11 31.32 -0.05
C VAL A 516 -1.39 32.51 0.87
N GLN A 517 -2.12 33.50 0.37
CA GLN A 517 -2.55 34.59 1.25
C GLN A 517 -3.46 34.08 2.35
N ASP A 518 -4.32 33.10 2.02
CA ASP A 518 -5.11 32.44 3.06
C ASP A 518 -4.20 31.74 4.06
N LEU A 519 -3.10 31.15 3.58
CA LEU A 519 -2.15 30.52 4.49
C LEU A 519 -1.54 31.53 5.44
N LYS A 520 -1.15 32.71 4.92
CA LYS A 520 -0.61 33.74 5.79
C LYS A 520 -1.65 34.20 6.80
N SER A 521 -2.90 34.39 6.35
CA SER A 521 -3.96 34.80 7.27
C SER A 521 -4.17 33.77 8.38
N ARG A 522 -4.16 32.48 8.01
CA ARG A 522 -4.30 31.42 9.01
C ARG A 522 -3.13 31.44 9.98
N SER A 523 -1.91 31.62 9.46
CA SER A 523 -0.73 31.60 10.32
C SER A 523 -0.76 32.74 11.32
N ARG A 524 -1.13 33.95 10.88
CA ARG A 524 -1.19 35.09 11.79
C ARG A 524 -2.42 35.01 12.68
#